data_6S6H
#
_entry.id   6S6H
#
_cell.length_a   127.099
_cell.length_b   40.717
_cell.length_c   94.004
_cell.angle_alpha   90.000
_cell.angle_beta   121.400
_cell.angle_gamma   90.000
#
_symmetry.space_group_name_H-M   'C 1 2 1'
#
loop_
_entity.id
_entity.type
_entity.pdbx_description
1 polymer 'Chromosome-partitioning protein ParB'
2 polymer "DNA (5'-D(*GP*AP*TP*GP*TP*TP*TP*CP*AP*CP*GP*TP*GP*AP*AP*AP*CP*AP*TP*C)-3')"
3 non-polymer GLYCEROL
4 water water
#
loop_
_entity_poly.entity_id
_entity_poly.type
_entity_poly.pdbx_seq_one_letter_code
_entity_poly.pdbx_strand_id
1 'polypeptide(L)'
;MLAVLEIGIIENVQRADLNVLEEALSYKVLMEKFERTQENIAQTIGKSRSHVANTMRLLALPDEVQSYLVSGELTAGHAR
AIAAAADPVALAKQIIEGGLSVRETEALARKAPNLSAGKSKGGRPPRVKDKLAAALEHHHHHH
;
A,B
2 'polydeoxyribonucleotide' (DG)(DA)(DT)(DG)(DT)(DT)(DT)(DC)(DA)(DC)(DG)(DT)(DG)(DA)(DA)(DA)(DC)(DA)(DT)(DC) C,D
#
# COMPACT_ATOMS: atom_id res chain seq x y z
N MET A 1 -23.79 -17.35 -26.22
CA MET A 1 -23.16 -16.22 -25.48
C MET A 1 -21.78 -16.64 -24.95
N LEU A 2 -20.75 -15.82 -25.19
CA LEU A 2 -19.33 -16.12 -24.84
C LEU A 2 -19.18 -16.21 -23.33
N ALA A 3 -18.46 -17.21 -22.83
CA ALA A 3 -18.23 -17.49 -21.39
C ALA A 3 -17.33 -16.40 -20.77
N VAL A 4 -16.48 -15.78 -21.59
CA VAL A 4 -15.44 -14.78 -21.15
C VAL A 4 -16.11 -13.54 -20.56
N LEU A 5 -17.38 -13.29 -20.90
CA LEU A 5 -18.17 -12.13 -20.42
C LEU A 5 -18.23 -12.13 -18.89
N GLU A 6 -18.59 -13.27 -18.28
CA GLU A 6 -18.69 -13.43 -16.81
C GLU A 6 -17.36 -13.09 -16.15
N ILE A 7 -16.26 -13.61 -16.71
CA ILE A 7 -14.88 -13.49 -16.14
C ILE A 7 -14.48 -12.01 -16.08
N GLY A 8 -14.63 -11.29 -17.19
CA GLY A 8 -14.30 -9.86 -17.31
C GLY A 8 -15.06 -9.01 -16.31
N ILE A 9 -16.36 -9.31 -16.12
CA ILE A 9 -17.26 -8.57 -15.18
C ILE A 9 -16.76 -8.78 -13.75
N ILE A 10 -16.45 -10.03 -13.39
CA ILE A 10 -15.94 -10.42 -12.03
C ILE A 10 -14.59 -9.72 -11.80
N GLU A 11 -13.69 -9.80 -12.78
CA GLU A 11 -12.33 -9.20 -12.73
C GLU A 11 -12.43 -7.69 -12.42
N ASN A 12 -13.40 -6.99 -13.02
CA ASN A 12 -13.44 -5.51 -13.04
C ASN A 12 -14.18 -4.95 -11.81
N VAL A 13 -14.76 -5.80 -10.96
CA VAL A 13 -15.43 -5.37 -9.70
C VAL A 13 -14.42 -4.55 -8.86
N GLN A 14 -13.22 -5.08 -8.65
CA GLN A 14 -12.17 -4.46 -7.79
C GLN A 14 -11.46 -3.32 -8.53
N ARG A 15 -11.48 -3.33 -9.87
CA ARG A 15 -10.77 -2.33 -10.74
C ARG A 15 -11.65 -1.09 -10.92
N ALA A 16 -12.98 -1.20 -10.74
CA ALA A 16 -13.93 -0.08 -10.81
C ALA A 16 -13.79 0.82 -9.58
N ASP A 17 -14.48 1.96 -9.58
CA ASP A 17 -14.49 2.94 -8.45
C ASP A 17 -15.67 2.61 -7.51
N LEU A 18 -15.65 1.42 -6.92
CA LEU A 18 -16.69 0.94 -5.98
C LEU A 18 -16.16 0.98 -4.55
N ASN A 19 -16.98 1.47 -3.61
CA ASN A 19 -16.69 1.35 -2.15
C ASN A 19 -16.84 -0.13 -1.77
N VAL A 20 -16.36 -0.51 -0.59
CA VAL A 20 -16.25 -1.94 -0.17
C VAL A 20 -17.62 -2.62 -0.21
N LEU A 21 -18.70 -1.91 0.14
CA LEU A 21 -20.08 -2.47 0.22
C LEU A 21 -20.64 -2.68 -1.19
N GLU A 22 -20.31 -1.80 -2.14
CA GLU A 22 -20.71 -1.93 -3.57
C GLU A 22 -20.01 -3.14 -4.17
N GLU A 23 -18.75 -3.38 -3.81
CA GLU A 23 -17.95 -4.56 -4.24
C GLU A 23 -18.59 -5.84 -3.69
N ALA A 24 -19.00 -5.80 -2.41
CA ALA A 24 -19.64 -6.93 -1.69
C ALA A 24 -20.92 -7.37 -2.43
N LEU A 25 -21.86 -6.44 -2.64
CA LEU A 25 -23.17 -6.71 -3.28
C LEU A 25 -22.95 -7.22 -4.72
N SER A 26 -21.95 -6.66 -5.42
CA SER A 26 -21.57 -7.10 -6.79
C SER A 26 -21.22 -8.59 -6.77
N TYR A 27 -20.26 -8.99 -5.93
CA TYR A 27 -19.78 -10.39 -5.80
C TYR A 27 -20.96 -11.31 -5.46
N LYS A 28 -21.77 -10.94 -4.46
CA LYS A 28 -22.97 -11.72 -4.01
C LYS A 28 -23.89 -11.98 -5.20
N VAL A 29 -24.29 -10.92 -5.90
CA VAL A 29 -25.23 -10.96 -7.06
C VAL A 29 -24.63 -11.84 -8.16
N LEU A 30 -23.31 -11.74 -8.39
CA LEU A 30 -22.61 -12.48 -9.48
C LEU A 30 -22.46 -13.97 -9.11
N MET A 31 -22.11 -14.26 -7.86
CA MET A 31 -22.04 -15.65 -7.32
C MET A 31 -23.38 -16.36 -7.56
N GLU A 32 -24.48 -15.70 -7.15
CA GLU A 32 -25.87 -16.20 -7.32
C GLU A 32 -26.13 -16.50 -8.81
N LYS A 33 -26.13 -15.46 -9.64
CA LYS A 33 -26.65 -15.50 -11.04
C LYS A 33 -25.77 -16.40 -11.92
N PHE A 34 -24.44 -16.37 -11.76
CA PHE A 34 -23.48 -17.20 -12.54
C PHE A 34 -23.20 -18.51 -11.80
N GLU A 35 -23.79 -18.69 -10.61
CA GLU A 35 -23.72 -19.94 -9.82
C GLU A 35 -22.25 -20.31 -9.59
N ARG A 36 -21.49 -19.37 -9.03
CA ARG A 36 -20.02 -19.53 -8.77
C ARG A 36 -19.79 -19.47 -7.26
N THR A 37 -18.81 -20.23 -6.76
CA THR A 37 -18.45 -20.31 -5.32
C THR A 37 -17.61 -19.10 -4.92
N GLN A 38 -17.44 -18.87 -3.62
CA GLN A 38 -16.46 -17.89 -3.06
C GLN A 38 -15.06 -18.23 -3.60
N GLU A 39 -14.72 -19.51 -3.64
CA GLU A 39 -13.41 -20.05 -4.12
C GLU A 39 -13.22 -19.66 -5.60
N ASN A 40 -14.25 -19.81 -6.43
CA ASN A 40 -14.19 -19.51 -7.88
C ASN A 40 -13.93 -18.01 -8.09
N ILE A 41 -14.70 -17.16 -7.42
CA ILE A 41 -14.57 -15.67 -7.47
C ILE A 41 -13.13 -15.31 -7.09
N ALA A 42 -12.66 -15.82 -5.94
CA ALA A 42 -11.30 -15.59 -5.39
C ALA A 42 -10.25 -15.87 -6.48
N GLN A 43 -10.30 -17.04 -7.10
CA GLN A 43 -9.33 -17.47 -8.15
C GLN A 43 -9.44 -16.53 -9.37
N THR A 44 -10.66 -16.07 -9.69
CA THR A 44 -10.94 -15.16 -10.84
C THR A 44 -10.27 -13.80 -10.61
N ILE A 45 -10.38 -13.25 -9.40
CA ILE A 45 -9.92 -11.85 -9.07
C ILE A 45 -8.50 -11.88 -8.49
N GLY A 46 -7.89 -13.06 -8.37
CA GLY A 46 -6.51 -13.23 -7.84
C GLY A 46 -6.41 -12.87 -6.37
N LYS A 47 -7.42 -13.22 -5.58
CA LYS A 47 -7.49 -12.96 -4.11
C LYS A 47 -7.77 -14.29 -3.39
N SER A 48 -7.81 -14.23 -2.05
CA SER A 48 -8.11 -15.38 -1.17
C SER A 48 -9.62 -15.56 -1.03
N ARG A 49 -10.06 -16.78 -0.71
CA ARG A 49 -11.49 -17.12 -0.49
C ARG A 49 -12.01 -16.36 0.73
N SER A 50 -11.22 -16.23 1.79
CA SER A 50 -11.58 -15.53 3.05
C SER A 50 -11.79 -14.03 2.80
N HIS A 51 -10.97 -13.43 1.93
CA HIS A 51 -11.10 -12.01 1.48
C HIS A 51 -12.50 -11.81 0.85
N VAL A 52 -12.91 -12.72 -0.03
CA VAL A 52 -14.23 -12.68 -0.73
C VAL A 52 -15.35 -12.79 0.31
N ALA A 53 -15.22 -13.76 1.23
CA ALA A 53 -16.17 -14.05 2.33
C ALA A 53 -16.29 -12.83 3.25
N ASN A 54 -15.17 -12.31 3.74
CA ASN A 54 -15.12 -11.18 4.71
C ASN A 54 -15.71 -9.93 4.06
N THR A 55 -15.44 -9.70 2.78
CA THR A 55 -15.96 -8.55 1.99
C THR A 55 -17.49 -8.60 2.02
N MET A 56 -18.10 -9.73 1.68
CA MET A 56 -19.58 -9.88 1.53
C MET A 56 -20.25 -9.88 2.91
N ARG A 57 -19.60 -10.44 3.94
CA ARG A 57 -20.10 -10.47 5.35
C ARG A 57 -20.50 -9.05 5.81
N LEU A 58 -19.83 -8.01 5.29
CA LEU A 58 -20.04 -6.58 5.66
C LEU A 58 -21.48 -6.13 5.31
N LEU A 59 -22.13 -6.79 4.34
CA LEU A 59 -23.53 -6.47 3.94
C LEU A 59 -24.51 -6.79 5.06
N ALA A 60 -24.15 -7.70 5.97
CA ALA A 60 -24.99 -8.13 7.12
C ALA A 60 -24.96 -7.08 8.25
N LEU A 61 -24.01 -6.14 8.23
CA LEU A 61 -23.87 -5.10 9.28
C LEU A 61 -25.12 -4.22 9.32
N PRO A 62 -25.53 -3.73 10.52
CA PRO A 62 -26.61 -2.74 10.62
C PRO A 62 -26.34 -1.51 9.73
N ASP A 63 -27.41 -0.87 9.25
CA ASP A 63 -27.35 0.26 8.28
C ASP A 63 -26.51 1.40 8.86
N GLU A 64 -26.60 1.66 10.17
CA GLU A 64 -25.81 2.72 10.86
C GLU A 64 -24.32 2.51 10.61
N VAL A 65 -23.83 1.27 10.76
CA VAL A 65 -22.40 0.90 10.58
C VAL A 65 -22.04 1.04 9.11
N GLN A 66 -22.88 0.54 8.20
CA GLN A 66 -22.70 0.63 6.73
C GLN A 66 -22.55 2.10 6.34
N SER A 67 -23.36 2.98 6.93
CA SER A 67 -23.30 4.45 6.72
C SER A 67 -21.90 4.99 7.09
N TYR A 68 -21.34 4.53 8.21
CA TYR A 68 -19.98 4.93 8.67
C TYR A 68 -18.94 4.50 7.64
N LEU A 69 -19.09 3.30 7.07
CA LEU A 69 -18.18 2.76 6.01
C LEU A 69 -18.21 3.66 4.78
N VAL A 70 -19.41 3.98 4.28
CA VAL A 70 -19.63 4.82 3.06
C VAL A 70 -19.03 6.21 3.30
N SER A 71 -19.24 6.78 4.49
CA SER A 71 -18.81 8.15 4.88
C SER A 71 -17.32 8.18 5.17
N GLY A 72 -16.73 7.04 5.55
CA GLY A 72 -15.28 6.88 5.82
C GLY A 72 -14.93 7.16 7.28
N GLU A 73 -15.94 7.25 8.15
CA GLU A 73 -15.75 7.38 9.62
C GLU A 73 -15.17 6.08 10.18
N LEU A 74 -15.49 4.94 9.56
CA LEU A 74 -14.86 3.61 9.82
C LEU A 74 -14.22 3.10 8.53
N THR A 75 -13.18 2.28 8.65
CA THR A 75 -12.59 1.49 7.53
C THR A 75 -13.23 0.10 7.53
N ALA A 76 -12.99 -0.68 6.47
CA ALA A 76 -13.44 -2.08 6.31
C ALA A 76 -12.90 -2.93 7.47
N GLY A 77 -11.66 -2.68 7.89
CA GLY A 77 -10.97 -3.38 8.99
C GLY A 77 -11.71 -3.23 10.32
N HIS A 78 -12.13 -2.01 10.65
CA HIS A 78 -12.92 -1.68 11.86
C HIS A 78 -14.27 -2.44 11.82
N ALA A 79 -15.00 -2.29 10.71
CA ALA A 79 -16.36 -2.84 10.50
C ALA A 79 -16.34 -4.37 10.64
N ARG A 80 -15.41 -5.05 9.97
CA ARG A 80 -15.26 -6.53 10.00
C ARG A 80 -14.97 -7.00 11.43
N ALA A 81 -14.12 -6.26 12.16
CA ALA A 81 -13.67 -6.59 13.53
C ALA A 81 -14.84 -6.64 14.51
N ILE A 82 -15.95 -5.93 14.23
CA ILE A 82 -17.14 -5.82 15.12
C ILE A 82 -18.36 -6.51 14.49
N ALA A 83 -18.18 -7.21 13.36
CA ALA A 83 -19.28 -7.78 12.53
C ALA A 83 -20.02 -8.89 13.29
N ALA A 84 -19.30 -9.69 14.09
CA ALA A 84 -19.85 -10.85 14.85
C ALA A 84 -20.03 -10.49 16.33
N ALA A 85 -20.19 -9.19 16.64
CA ALA A 85 -20.37 -8.66 18.00
C ALA A 85 -21.87 -8.50 18.31
N ALA A 86 -22.22 -8.49 19.60
CA ALA A 86 -23.61 -8.38 20.11
C ALA A 86 -24.24 -7.05 19.68
N ASP A 87 -23.53 -5.93 19.88
CA ASP A 87 -24.01 -4.56 19.57
C ASP A 87 -22.96 -3.83 18.72
N PRO A 88 -22.86 -4.15 17.42
CA PRO A 88 -21.90 -3.48 16.52
C PRO A 88 -22.01 -1.94 16.49
N VAL A 89 -23.22 -1.40 16.64
CA VAL A 89 -23.49 0.07 16.59
C VAL A 89 -22.84 0.75 17.80
N ALA A 90 -22.94 0.13 18.98
CA ALA A 90 -22.28 0.61 20.22
C ALA A 90 -20.77 0.67 20.01
N LEU A 91 -20.18 -0.45 19.56
CA LEU A 91 -18.72 -0.59 19.28
C LEU A 91 -18.29 0.45 18.25
N ALA A 92 -19.06 0.62 17.17
CA ALA A 92 -18.82 1.63 16.11
C ALA A 92 -18.64 3.01 16.75
N LYS A 93 -19.54 3.40 17.66
CA LYS A 93 -19.52 4.72 18.36
C LYS A 93 -18.22 4.85 19.19
N GLN A 94 -17.85 3.79 19.91
CA GLN A 94 -16.63 3.73 20.75
C GLN A 94 -15.38 3.90 19.89
N ILE A 95 -15.34 3.25 18.72
CA ILE A 95 -14.19 3.28 17.76
C ILE A 95 -13.98 4.72 17.29
N ILE A 96 -15.07 5.42 16.93
CA ILE A 96 -15.05 6.80 16.37
C ILE A 96 -14.71 7.79 17.49
N GLU A 97 -15.32 7.63 18.66
CA GLU A 97 -15.10 8.48 19.86
C GLU A 97 -13.63 8.39 20.31
N GLY A 98 -13.09 7.16 20.40
CA GLY A 98 -11.75 6.89 20.96
C GLY A 98 -10.64 7.00 19.93
N GLY A 99 -10.98 7.05 18.63
CA GLY A 99 -10.00 7.03 17.54
C GLY A 99 -9.19 5.74 17.53
N LEU A 100 -9.85 4.60 17.77
CA LEU A 100 -9.21 3.27 17.92
C LEU A 100 -8.66 2.80 16.56
N SER A 101 -7.44 2.28 16.56
CA SER A 101 -6.86 1.48 15.44
C SER A 101 -7.68 0.20 15.26
N VAL A 102 -7.49 -0.50 14.13
CA VAL A 102 -8.16 -1.81 13.86
C VAL A 102 -7.65 -2.84 14.88
N ARG A 103 -6.36 -2.77 15.25
CA ARG A 103 -5.73 -3.66 16.26
C ARG A 103 -6.43 -3.45 17.61
N GLU A 104 -6.58 -2.20 18.03
CA GLU A 104 -7.27 -1.82 19.31
C GLU A 104 -8.74 -2.27 19.23
N THR A 105 -9.37 -2.13 18.07
CA THR A 105 -10.78 -2.51 17.81
C THR A 105 -10.94 -4.04 17.98
N GLU A 106 -10.00 -4.81 17.45
CA GLU A 106 -9.95 -6.29 17.60
C GLU A 106 -9.89 -6.67 19.08
N ALA A 107 -9.10 -5.93 19.87
CA ALA A 107 -8.94 -6.12 21.33
C ALA A 107 -10.28 -5.84 22.03
N LEU A 108 -10.98 -4.77 21.65
CA LEU A 108 -12.29 -4.38 22.20
C LEU A 108 -13.29 -5.52 21.98
N ALA A 109 -13.30 -6.10 20.78
CA ALA A 109 -14.24 -7.14 20.32
C ALA A 109 -14.06 -8.43 21.14
N ARG A 110 -12.81 -8.87 21.33
CA ARG A 110 -12.44 -10.02 22.21
C ARG A 110 -13.12 -9.89 23.57
N LYS A 111 -12.98 -8.72 24.20
CA LYS A 111 -13.39 -8.45 25.62
C LYS A 111 -14.78 -7.80 25.63
N ALA A 112 -15.72 -8.31 24.83
CA ALA A 112 -17.14 -7.90 24.84
C ALA A 112 -18.00 -8.98 24.19
N PRO A 113 -19.33 -9.01 24.47
CA PRO A 113 -20.21 -10.06 23.93
C PRO A 113 -20.28 -10.07 22.39
N LYS A 119 -28.96 -14.64 26.22
CA LYS A 119 -30.14 -13.95 26.83
C LYS A 119 -31.21 -15.00 27.16
N SER A 120 -31.92 -14.82 28.28
CA SER A 120 -33.05 -15.68 28.72
C SER A 120 -34.17 -15.60 27.68
N LYS A 121 -34.67 -16.76 27.22
CA LYS A 121 -35.76 -16.88 26.22
C LYS A 121 -37.13 -16.76 26.93
N GLY A 122 -37.12 -16.67 28.26
CA GLY A 122 -38.34 -16.50 29.07
C GLY A 122 -39.16 -17.77 29.14
N GLY A 123 -40.46 -17.63 29.42
CA GLY A 123 -41.39 -18.75 29.65
C GLY A 123 -41.93 -18.72 31.07
N ARG A 124 -43.19 -19.14 31.26
CA ARG A 124 -43.84 -19.23 32.59
C ARG A 124 -42.87 -19.96 33.53
N PRO A 125 -42.64 -19.44 34.77
CA PRO A 125 -41.83 -20.16 35.74
C PRO A 125 -42.54 -21.41 36.26
N PRO A 126 -41.86 -22.58 36.32
CA PRO A 126 -42.46 -23.77 36.93
C PRO A 126 -42.67 -23.61 38.44
N MET B 1 -6.27 31.36 -19.43
CA MET B 1 -6.35 29.90 -19.14
C MET B 1 -6.69 29.70 -17.66
N LEU B 2 -7.70 28.86 -17.37
CA LEU B 2 -8.21 28.61 -15.99
C LEU B 2 -7.13 27.91 -15.16
N ALA B 3 -6.92 28.35 -13.92
CA ALA B 3 -5.90 27.81 -12.98
C ALA B 3 -6.31 26.40 -12.51
N VAL B 4 -7.60 26.07 -12.54
CA VAL B 4 -8.18 24.79 -12.03
C VAL B 4 -7.65 23.60 -12.85
N LEU B 5 -7.19 23.86 -14.08
CA LEU B 5 -6.66 22.83 -15.02
C LEU B 5 -5.48 22.11 -14.37
N GLU B 6 -4.51 22.85 -13.81
CA GLU B 6 -3.30 22.29 -13.15
C GLU B 6 -3.73 21.36 -12.01
N ILE B 7 -4.68 21.80 -11.19
CA ILE B 7 -5.13 21.09 -9.95
C ILE B 7 -5.71 19.73 -10.33
N GLY B 8 -6.63 19.71 -11.30
CA GLY B 8 -7.28 18.49 -11.79
C GLY B 8 -6.28 17.47 -12.32
N ILE B 9 -5.27 17.94 -13.06
CA ILE B 9 -4.20 17.09 -13.67
C ILE B 9 -3.39 16.45 -12.54
N ILE B 10 -2.99 17.24 -11.54
CA ILE B 10 -2.20 16.77 -10.36
C ILE B 10 -3.03 15.76 -9.58
N GLU B 11 -4.30 16.07 -9.32
CA GLU B 11 -5.26 15.22 -8.57
C GLU B 11 -5.34 13.83 -9.23
N ASN B 12 -5.37 13.77 -10.56
CA ASN B 12 -5.74 12.54 -11.32
C ASN B 12 -4.50 11.66 -11.59
N VAL B 13 -3.30 12.10 -11.22
CA VAL B 13 -2.06 11.29 -11.36
C VAL B 13 -2.26 9.95 -10.64
N GLN B 14 -2.71 9.98 -9.38
CA GLN B 14 -2.87 8.80 -8.51
C GLN B 14 -4.15 8.03 -8.88
N ARG B 15 -5.14 8.68 -9.49
CA ARG B 15 -6.46 8.09 -9.85
C ARG B 15 -6.37 7.35 -11.19
N ALA B 16 -5.38 7.69 -12.03
CA ALA B 16 -5.11 7.03 -13.33
C ALA B 16 -4.49 5.64 -13.08
N ASP B 17 -4.32 4.86 -14.16
CA ASP B 17 -3.76 3.48 -14.11
C ASP B 17 -2.25 3.54 -14.35
N LEU B 18 -1.51 4.24 -13.48
CA LEU B 18 -0.05 4.46 -13.61
C LEU B 18 0.67 3.62 -12.57
N ASN B 19 1.76 2.95 -12.98
CA ASN B 19 2.72 2.28 -12.05
C ASN B 19 3.47 3.39 -11.28
N VAL B 20 4.15 3.03 -10.21
CA VAL B 20 4.76 3.99 -9.24
C VAL B 20 5.75 4.93 -9.97
N LEU B 21 6.49 4.42 -10.96
CA LEU B 21 7.53 5.20 -11.69
C LEU B 21 6.87 6.19 -12.66
N GLU B 22 5.73 5.82 -13.25
CA GLU B 22 4.94 6.70 -14.15
C GLU B 22 4.36 7.86 -13.32
N GLU B 23 3.91 7.57 -12.09
CA GLU B 23 3.40 8.58 -11.12
C GLU B 23 4.53 9.54 -10.75
N ALA B 24 5.73 9.00 -10.49
CA ALA B 24 6.94 9.76 -10.11
C ALA B 24 7.28 10.79 -11.20
N LEU B 25 7.48 10.33 -12.44
CA LEU B 25 7.86 11.20 -13.59
C LEU B 25 6.77 12.26 -13.81
N SER B 26 5.50 11.89 -13.66
CA SER B 26 4.35 12.83 -13.78
C SER B 26 4.54 13.99 -12.79
N TYR B 27 4.68 13.68 -11.50
CA TYR B 27 4.84 14.68 -10.40
C TYR B 27 6.04 15.57 -10.68
N LYS B 28 7.19 14.98 -11.02
CA LYS B 28 8.46 15.70 -11.33
C LYS B 28 8.20 16.73 -12.43
N VAL B 29 7.66 16.27 -13.57
CA VAL B 29 7.37 17.09 -14.77
C VAL B 29 6.39 18.22 -14.39
N LEU B 30 5.39 17.94 -13.56
CA LEU B 30 4.33 18.91 -13.16
C LEU B 30 4.89 19.94 -12.18
N MET B 31 5.69 19.50 -11.20
CA MET B 31 6.41 20.39 -10.24
C MET B 31 7.23 21.42 -11.02
N GLU B 32 8.04 20.94 -11.97
CA GLU B 32 8.89 21.77 -12.87
C GLU B 32 8.01 22.81 -13.57
N LYS B 33 7.12 22.34 -14.45
CA LYS B 33 6.42 23.18 -15.47
C LYS B 33 5.45 24.15 -14.77
N PHE B 34 4.75 23.72 -13.72
CA PHE B 34 3.79 24.57 -12.97
C PHE B 34 4.49 25.24 -11.77
N GLU B 35 5.78 24.95 -11.59
CA GLU B 35 6.66 25.60 -10.58
C GLU B 35 6.01 25.44 -9.20
N ARG B 36 5.71 24.20 -8.81
CA ARG B 36 5.05 23.85 -7.53
C ARG B 36 6.01 23.01 -6.69
N THR B 37 5.96 23.17 -5.36
CA THR B 37 6.84 22.46 -4.40
C THR B 37 6.31 21.03 -4.17
N GLN B 38 7.13 20.18 -3.56
CA GLN B 38 6.71 18.84 -3.05
C GLN B 38 5.53 19.03 -2.08
N GLU B 39 5.61 20.05 -1.22
CA GLU B 39 4.58 20.40 -0.21
C GLU B 39 3.25 20.73 -0.91
N ASN B 40 3.29 21.52 -1.99
CA ASN B 40 2.09 21.95 -2.75
C ASN B 40 1.41 20.74 -3.39
N ILE B 41 2.18 19.89 -4.07
CA ILE B 41 1.69 18.63 -4.72
C ILE B 41 1.00 17.79 -3.63
N ALA B 42 1.69 17.54 -2.52
CA ALA B 42 1.22 16.74 -1.37
C ALA B 42 -0.16 17.24 -0.93
N GLN B 43 -0.31 18.54 -0.68
CA GLN B 43 -1.59 19.16 -0.23
C GLN B 43 -2.66 18.99 -1.32
N THR B 44 -2.28 19.06 -2.59
CA THR B 44 -3.19 18.93 -3.76
C THR B 44 -3.76 17.50 -3.82
N ILE B 45 -2.92 16.48 -3.63
CA ILE B 45 -3.30 15.05 -3.81
C ILE B 45 -3.72 14.43 -2.46
N GLY B 46 -3.71 15.20 -1.37
CA GLY B 46 -4.13 14.74 -0.03
C GLY B 46 -3.17 13.70 0.53
N LYS B 47 -1.87 13.86 0.30
CA LYS B 47 -0.79 12.95 0.80
C LYS B 47 0.24 13.79 1.56
N SER B 48 1.27 13.12 2.10
CA SER B 48 2.40 13.75 2.84
C SER B 48 3.48 14.21 1.84
N ARG B 49 4.29 15.18 2.26
CA ARG B 49 5.41 15.74 1.45
C ARG B 49 6.46 14.63 1.25
N SER B 50 6.73 13.82 2.27
CA SER B 50 7.74 12.72 2.23
C SER B 50 7.30 11.62 1.24
N HIS B 51 6.00 11.33 1.17
CA HIS B 51 5.39 10.40 0.17
C HIS B 51 5.72 10.87 -1.25
N VAL B 52 5.54 12.15 -1.51
CA VAL B 52 5.79 12.79 -2.85
C VAL B 52 7.29 12.67 -3.16
N ALA B 53 8.14 13.01 -2.18
CA ALA B 53 9.62 12.98 -2.28
C ALA B 53 10.09 11.54 -2.55
N ASN B 54 9.64 10.59 -1.72
CA ASN B 54 10.09 9.17 -1.80
C ASN B 54 9.64 8.57 -3.14
N THR B 55 8.45 8.92 -3.61
CA THR B 55 7.90 8.46 -4.91
C THR B 55 8.86 8.87 -6.03
N MET B 56 9.25 10.13 -6.09
CA MET B 56 10.08 10.70 -7.20
C MET B 56 11.54 10.21 -7.09
N ARG B 57 12.05 10.03 -5.86
CA ARG B 57 13.43 9.50 -5.59
C ARG B 57 13.65 8.18 -6.35
N LEU B 58 12.60 7.39 -6.58
CA LEU B 58 12.65 6.06 -7.26
C LEU B 58 13.16 6.21 -8.70
N LEU B 59 13.00 7.39 -9.32
CA LEU B 59 13.46 7.65 -10.71
C LEU B 59 14.99 7.62 -10.78
N ALA B 60 15.68 7.86 -9.66
CA ALA B 60 17.16 7.87 -9.55
C ALA B 60 17.72 6.44 -9.52
N LEU B 61 16.89 5.42 -9.29
CA LEU B 61 17.33 4.00 -9.21
C LEU B 61 17.90 3.57 -10.56
N PRO B 62 18.91 2.68 -10.58
CA PRO B 62 19.39 2.07 -11.83
C PRO B 62 18.26 1.42 -12.61
N ASP B 63 18.38 1.36 -13.95
CA ASP B 63 17.34 0.85 -14.88
C ASP B 63 16.98 -0.59 -14.52
N GLU B 64 17.97 -1.41 -14.12
CA GLU B 64 17.74 -2.83 -13.73
C GLU B 64 16.70 -2.89 -12.61
N VAL B 65 16.83 -2.05 -11.59
CA VAL B 65 15.91 -2.00 -10.41
C VAL B 65 14.55 -1.50 -10.87
N GLN B 66 14.51 -0.44 -11.67
CA GLN B 66 13.26 0.14 -12.23
C GLN B 66 12.50 -0.95 -13.00
N SER B 67 13.22 -1.78 -13.77
CA SER B 67 12.66 -2.94 -14.52
C SER B 67 11.97 -3.90 -13.54
N TYR B 68 12.58 -4.20 -12.40
CA TYR B 68 12.02 -5.09 -11.34
C TYR B 68 10.71 -4.49 -10.81
N LEU B 69 10.65 -3.17 -10.61
CA LEU B 69 9.45 -2.43 -10.14
C LEU B 69 8.31 -2.61 -11.15
N VAL B 70 8.58 -2.34 -12.43
CA VAL B 70 7.59 -2.42 -13.54
C VAL B 70 7.06 -3.85 -13.65
N SER B 71 7.96 -4.84 -13.56
CA SER B 71 7.65 -6.29 -13.71
C SER B 71 6.95 -6.83 -12.45
N GLY B 72 7.17 -6.19 -11.30
CA GLY B 72 6.53 -6.55 -10.01
C GLY B 72 7.34 -7.56 -9.22
N GLU B 73 8.59 -7.81 -9.62
CA GLU B 73 9.55 -8.67 -8.87
C GLU B 73 9.94 -7.97 -7.56
N LEU B 74 9.94 -6.64 -7.55
CA LEU B 74 10.09 -5.79 -6.33
C LEU B 74 8.85 -4.91 -6.19
N THR B 75 8.49 -4.54 -4.96
CA THR B 75 7.49 -3.48 -4.64
C THR B 75 8.22 -2.16 -4.45
N ALA B 76 7.47 -1.05 -4.38
CA ALA B 76 7.96 0.31 -4.11
C ALA B 76 8.74 0.34 -2.78
N GLY B 77 8.24 -0.38 -1.77
CA GLY B 77 8.84 -0.50 -0.42
C GLY B 77 10.25 -1.07 -0.47
N HIS B 78 10.44 -2.15 -1.23
CA HIS B 78 11.76 -2.81 -1.44
C HIS B 78 12.73 -1.81 -2.11
N ALA B 79 12.29 -1.22 -3.23
CA ALA B 79 13.10 -0.31 -4.10
C ALA B 79 13.58 0.89 -3.28
N ARG B 80 12.68 1.56 -2.56
CA ARG B 80 12.99 2.76 -1.73
C ARG B 80 14.00 2.39 -0.65
N ALA B 81 13.85 1.21 -0.04
CA ALA B 81 14.70 0.72 1.09
C ALA B 81 16.16 0.57 0.65
N ILE B 82 16.44 0.39 -0.64
CA ILE B 82 17.81 0.16 -1.20
C ILE B 82 18.25 1.34 -2.07
N ALA B 83 17.47 2.43 -2.11
CA ALA B 83 17.65 3.57 -3.04
C ALA B 83 18.97 4.32 -2.74
N ALA B 84 19.34 4.43 -1.46
CA ALA B 84 20.54 5.16 -0.98
C ALA B 84 21.68 4.18 -0.66
N ALA B 85 21.70 3.01 -1.29
CA ALA B 85 22.70 1.95 -1.09
C ALA B 85 23.80 2.08 -2.14
N ALA B 86 25.00 1.53 -1.85
CA ALA B 86 26.19 1.56 -2.74
C ALA B 86 25.89 0.80 -4.04
N ASP B 87 25.34 -0.42 -3.93
CA ASP B 87 25.03 -1.31 -5.08
C ASP B 87 23.58 -1.78 -4.99
N PRO B 88 22.59 -0.91 -5.33
CA PRO B 88 21.18 -1.29 -5.32
C PRO B 88 20.84 -2.55 -6.14
N VAL B 89 21.54 -2.78 -7.26
CA VAL B 89 21.29 -3.92 -8.18
C VAL B 89 21.64 -5.23 -7.47
N ALA B 90 22.76 -5.26 -6.73
CA ALA B 90 23.19 -6.42 -5.90
C ALA B 90 22.11 -6.74 -4.88
N LEU B 91 21.68 -5.73 -4.09
CA LEU B 91 20.63 -5.84 -3.05
C LEU B 91 19.32 -6.34 -3.68
N ALA B 92 18.93 -5.77 -4.82
CA ALA B 92 17.73 -6.17 -5.58
C ALA B 92 17.75 -7.67 -5.84
N LYS B 93 18.89 -8.21 -6.30
CA LYS B 93 19.06 -9.66 -6.61
C LYS B 93 18.87 -10.49 -5.33
N GLN B 94 19.46 -10.04 -4.22
CA GLN B 94 19.39 -10.72 -2.89
C GLN B 94 17.93 -10.75 -2.40
N ILE B 95 17.20 -9.65 -2.57
CA ILE B 95 15.77 -9.50 -2.16
C ILE B 95 14.92 -10.53 -2.90
N ILE B 96 15.13 -10.66 -4.21
CA ILE B 96 14.33 -11.56 -5.10
C ILE B 96 14.72 -13.02 -4.83
N GLU B 97 16.02 -13.30 -4.69
CA GLU B 97 16.57 -14.65 -4.38
C GLU B 97 16.03 -15.15 -3.04
N GLY B 98 16.07 -14.30 -2.01
CA GLY B 98 15.74 -14.66 -0.62
C GLY B 98 14.25 -14.54 -0.31
N GLY B 99 13.48 -13.87 -1.17
CA GLY B 99 12.06 -13.54 -0.92
C GLY B 99 11.90 -12.67 0.32
N LEU B 100 12.80 -11.69 0.51
CA LEU B 100 12.87 -10.81 1.70
C LEU B 100 11.64 -9.89 1.73
N SER B 101 11.03 -9.75 2.91
CA SER B 101 10.03 -8.68 3.23
C SER B 101 10.72 -7.32 3.14
N VAL B 102 9.92 -6.24 3.12
CA VAL B 102 10.45 -4.84 3.11
C VAL B 102 11.16 -4.58 4.45
N ARG B 103 10.65 -5.14 5.55
CA ARG B 103 11.25 -5.02 6.90
C ARG B 103 12.65 -5.67 6.90
N GLU B 104 12.75 -6.90 6.36
CA GLU B 104 14.03 -7.64 6.24
C GLU B 104 14.98 -6.86 5.32
N THR B 105 14.43 -6.27 4.25
CA THR B 105 15.20 -5.47 3.25
C THR B 105 15.79 -4.23 3.93
N GLU B 106 15.02 -3.55 4.77
CA GLU B 106 15.46 -2.37 5.57
C GLU B 106 16.64 -2.78 6.46
N ALA B 107 16.59 -3.98 7.05
CA ALA B 107 17.65 -4.54 7.93
C ALA B 107 18.92 -4.76 7.11
N LEU B 108 18.79 -5.33 5.90
CA LEU B 108 19.91 -5.57 4.96
C LEU B 108 20.61 -4.25 4.65
N ALA B 109 19.83 -3.20 4.37
CA ALA B 109 20.30 -1.85 3.95
C ALA B 109 21.12 -1.19 5.06
N ARG B 110 20.64 -1.25 6.30
CA ARG B 110 21.36 -0.77 7.52
C ARG B 110 22.78 -1.34 7.54
N LYS B 111 22.91 -2.66 7.37
CA LYS B 111 24.17 -3.43 7.54
C LYS B 111 24.86 -3.64 6.18
N ALA B 112 24.88 -2.61 5.34
CA ALA B 112 25.61 -2.53 4.05
C ALA B 112 25.53 -1.10 3.52
N PRO B 113 25.93 -0.07 4.32
CA PRO B 113 25.61 1.32 4.00
C PRO B 113 26.23 1.85 2.69
N ASN B 114 25.65 2.93 2.15
CA ASN B 114 26.20 3.69 0.99
C ASN B 114 27.37 4.56 1.45
N LEU B 115 27.55 4.70 2.77
CA LEU B 115 28.68 5.43 3.41
C LEU B 115 30.01 4.70 3.15
N SER B 116 30.00 3.63 2.33
CA SER B 116 31.20 3.00 1.73
C SER B 116 31.67 3.81 0.51
N ALA B 117 31.32 5.10 0.46
CA ALA B 117 31.86 6.12 -0.49
C ALA B 117 33.16 6.70 0.07
N GLY B 118 33.61 6.23 1.25
CA GLY B 118 34.96 6.45 1.79
C GLY B 118 35.99 5.61 1.07
N LYS B 119 35.81 5.41 -0.25
CA LYS B 119 36.77 4.74 -1.16
C LYS B 119 38.00 5.65 -1.32
N SER B 120 39.18 5.04 -1.48
CA SER B 120 40.46 5.74 -1.79
C SER B 120 40.32 6.48 -3.12
N LYS B 121 40.68 7.77 -3.15
CA LYS B 121 40.64 8.62 -4.37
C LYS B 121 41.93 8.41 -5.18
N GLY B 122 42.89 7.64 -4.65
CA GLY B 122 44.19 7.40 -5.28
C GLY B 122 45.07 8.64 -5.24
N GLY B 123 46.02 8.74 -6.16
CA GLY B 123 47.02 9.83 -6.23
C GLY B 123 48.43 9.29 -6.05
N ARG B 124 49.40 9.91 -6.72
CA ARG B 124 50.83 9.55 -6.57
C ARG B 124 51.16 9.46 -5.08
N PRO B 125 51.85 8.41 -4.61
CA PRO B 125 52.29 8.35 -3.22
C PRO B 125 53.40 9.37 -2.95
N PRO B 126 53.32 10.14 -1.84
CA PRO B 126 54.34 11.15 -1.54
C PRO B 126 55.71 10.55 -1.21
N ARG B 127 56.76 11.37 -1.23
CA ARG B 127 58.15 10.98 -0.90
C ARG B 127 58.21 10.60 0.58
N VAL B 128 57.72 11.50 1.45
CA VAL B 128 57.58 11.26 2.92
C VAL B 128 56.30 10.44 3.14
N LYS B 129 56.44 9.30 3.82
CA LYS B 129 55.46 8.17 3.88
C LYS B 129 54.05 8.65 4.25
N ASP B 130 53.92 9.55 5.23
CA ASP B 130 52.65 9.87 5.93
C ASP B 130 52.29 8.67 6.81
N LYS B 131 52.65 8.74 8.09
CA LYS B 131 52.57 7.63 9.08
C LYS B 131 51.11 7.21 9.28
N LEU B 132 50.24 8.17 9.62
CA LEU B 132 48.81 7.92 9.96
C LEU B 132 48.14 7.14 8.82
N ALA B 133 48.29 7.61 7.58
CA ALA B 133 47.70 7.00 6.36
C ALA B 133 48.14 5.54 6.23
N ALA B 134 49.45 5.28 6.35
CA ALA B 134 50.07 3.93 6.24
C ALA B 134 49.45 2.98 7.27
N ALA B 135 49.17 3.48 8.48
CA ALA B 135 48.63 2.70 9.62
C ALA B 135 47.16 2.34 9.38
N LEU B 136 46.41 3.20 8.68
CA LEU B 136 44.96 3.01 8.39
C LEU B 136 44.77 1.97 7.27
N GLU B 137 45.86 1.52 6.64
CA GLU B 137 45.85 0.45 5.59
C GLU B 137 45.42 -0.88 6.22
N HIS B 138 46.06 -1.26 7.32
CA HIS B 138 45.81 -2.52 8.07
C HIS B 138 44.34 -2.59 8.50
N HIS B 139 43.89 -1.59 9.27
CA HIS B 139 42.51 -1.48 9.81
C HIS B 139 41.49 -1.46 8.67
N HIS B 140 41.82 -0.86 7.53
CA HIS B 140 41.00 -0.82 6.29
C HIS B 140 41.32 -2.06 5.43
#